data_9EWP
#
_entry.id   9EWP
#
_cell.length_a   43.139
_cell.length_b   44.169
_cell.length_c   97.578
_cell.angle_alpha   90.000
_cell.angle_beta   90.000
_cell.angle_gamma   90.000
#
_symmetry.space_group_name_H-M   'P 21 21 21'
#
loop_
_entity.id
_entity.type
_entity.pdbx_description
1 polymer 'Ubiquitin-conjugating enzyme E2 6'
2 non-polymer 1,2-ETHANEDIOL
3 non-polymer 'CADMIUM ION'
4 non-polymer 'SODIUM ION'
5 non-polymer 'CHLORIDE ION'
6 water water
#
_entity_poly.entity_id   1
_entity_poly.type   'polypeptide(L)'
_entity_poly.pdbx_seq_one_letter_code
;MATKQAHKRLTKEYKLMVENPPPYILARPNEDNILEWHYIITGPADTPYKGGQYHGTLTFPSDYPYKPPAIRMITPNGRF
KPNTRLCLSMSDYHPDTWNPGWSVSTILNGLLSFMTSDEATTGSITTSDHQKKTLARNSISYNTFQNVRFKLIFPEVVQE
NVETLEKRKLDELPETGG
;
_entity_poly.pdbx_strand_id   A
#
# COMPACT_ATOMS: atom_id res chain seq x y z
N ALA A 2 -12.96 1.00 -17.57
CA ALA A 2 -13.53 1.75 -16.39
C ALA A 2 -14.64 2.67 -16.91
N THR A 3 -15.67 3.13 -16.10
CA THR A 3 -16.57 4.17 -16.64
C THR A 3 -15.75 5.44 -16.90
N LYS A 4 -16.27 6.27 -17.75
CA LYS A 4 -15.60 7.51 -18.07
C LYS A 4 -15.47 8.39 -16.83
N GLN A 5 -16.49 8.40 -15.98
CA GLN A 5 -16.43 9.15 -14.74
C GLN A 5 -15.32 8.63 -13.85
N ALA A 6 -15.25 7.33 -13.67
CA ALA A 6 -14.19 6.79 -12.81
C ALA A 6 -12.81 7.08 -13.36
N HIS A 7 -12.66 6.92 -14.68
CA HIS A 7 -11.39 7.14 -15.31
C HIS A 7 -10.94 8.58 -15.11
N LYS A 8 -11.83 9.54 -15.33
CA LYS A 8 -11.48 10.94 -15.13
C LYS A 8 -11.08 11.21 -13.68
N ARG A 9 -11.87 10.69 -12.75
CA ARG A 9 -11.59 10.91 -11.33
C ARG A 9 -10.24 10.35 -10.91
N LEU A 10 -9.99 9.09 -11.27
CA LEU A 10 -8.75 8.45 -10.82
C LEU A 10 -7.52 9.05 -11.49
N THR A 11 -7.66 9.46 -12.74
N THR A 11 -7.64 9.47 -12.74
CA THR A 11 -6.58 10.21 -13.40
CA THR A 11 -6.51 10.16 -13.34
C THR A 11 -6.26 11.48 -12.60
C THR A 11 -6.24 11.48 -12.58
N LYS A 12 -7.29 12.21 -12.19
CA LYS A 12 -7.06 13.43 -11.41
C LYS A 12 -6.45 13.11 -10.06
N GLU A 13 -6.90 12.04 -9.42
CA GLU A 13 -6.30 11.66 -8.14
C GLU A 13 -4.80 11.41 -8.27
N TYR A 14 -4.36 10.75 -9.37
CA TYR A 14 -2.93 10.53 -9.52
C TYR A 14 -2.18 11.84 -9.71
N LYS A 15 -2.77 12.75 -10.50
CA LYS A 15 -2.17 14.04 -10.69
C LYS A 15 -2.01 14.77 -9.37
N LEU A 16 -3.04 14.74 -8.52
CA LEU A 16 -2.94 15.38 -7.23
C LEU A 16 -1.83 14.79 -6.38
N MET A 17 -1.64 13.49 -6.47
CA MET A 17 -0.57 12.85 -5.69
C MET A 17 0.82 13.19 -6.22
N VAL A 18 0.96 13.36 -7.52
CA VAL A 18 2.23 13.83 -8.08
C VAL A 18 2.55 15.22 -7.55
N GLU A 19 1.54 16.08 -7.53
CA GLU A 19 1.72 17.47 -7.14
C GLU A 19 2.02 17.61 -5.65
N ASN A 20 1.39 16.78 -4.83
CA ASN A 20 1.59 16.83 -3.38
C ASN A 20 1.68 15.42 -2.86
N PRO A 21 2.86 14.83 -2.94
CA PRO A 21 3.01 13.45 -2.55
C PRO A 21 2.85 13.30 -1.05
N PRO A 22 2.03 12.34 -0.62
CA PRO A 22 1.80 12.15 0.76
C PRO A 22 3.00 11.54 1.42
N PRO A 23 3.37 11.98 2.62
CA PRO A 23 4.46 11.35 3.32
C PRO A 23 4.21 9.86 3.48
N TYR A 24 5.26 9.11 3.29
CA TYR A 24 5.37 7.68 3.50
C TYR A 24 4.71 6.84 2.44
N ILE A 25 4.09 7.43 1.41
CA ILE A 25 3.21 6.67 0.52
C ILE A 25 3.46 7.05 -0.94
N LEU A 26 3.78 6.06 -1.75
CA LEU A 26 3.87 6.17 -3.20
C LEU A 26 2.71 5.35 -3.76
N ALA A 27 1.96 5.86 -4.71
CA ALA A 27 0.86 5.10 -5.27
C ALA A 27 0.57 5.53 -6.70
N ARG A 28 0.09 4.58 -7.51
CA ARG A 28 -0.25 4.90 -8.89
C ARG A 28 -1.14 3.81 -9.44
N PRO A 29 -1.87 4.12 -10.52
CA PRO A 29 -2.64 3.10 -11.20
C PRO A 29 -1.79 2.13 -11.98
N ASN A 30 -2.30 0.93 -12.19
CA ASN A 30 -1.77 0.03 -13.22
C ASN A 30 -1.99 0.68 -14.57
N GLU A 31 -0.92 0.76 -15.37
CA GLU A 31 -1.04 1.39 -16.67
C GLU A 31 -2.01 0.69 -17.57
N ASP A 32 -2.37 -0.55 -17.25
CA ASP A 32 -3.34 -1.27 -18.06
C ASP A 32 -4.73 -1.32 -17.45
N ASN A 33 -4.93 -0.74 -16.28
CA ASN A 33 -6.24 -0.82 -15.61
C ASN A 33 -6.27 0.25 -14.54
N ILE A 34 -6.92 1.38 -14.85
CA ILE A 34 -6.97 2.51 -13.94
C ILE A 34 -7.64 2.18 -12.62
N LEU A 35 -8.51 1.15 -12.57
CA LEU A 35 -9.15 0.75 -11.33
C LEU A 35 -8.25 0.04 -10.37
N GLU A 36 -7.12 -0.51 -10.82
CA GLU A 36 -6.22 -1.25 -9.94
C GLU A 36 -5.03 -0.38 -9.60
N TRP A 37 -4.95 0.12 -8.41
CA TRP A 37 -3.83 0.88 -7.92
C TRP A 37 -2.92 0.05 -7.05
N HIS A 38 -1.63 0.43 -7.12
CA HIS A 38 -0.58 -0.14 -6.31
C HIS A 38 0.03 0.96 -5.47
N TYR A 39 0.33 0.63 -4.21
CA TYR A 39 0.99 1.58 -3.31
C TYR A 39 2.21 0.92 -2.69
N ILE A 40 3.11 1.78 -2.22
CA ILE A 40 4.21 1.38 -1.37
C ILE A 40 4.18 2.27 -0.15
N ILE A 41 4.02 1.68 1.04
CA ILE A 41 4.17 2.39 2.31
C ILE A 41 5.59 2.18 2.82
N THR A 42 6.22 3.28 3.19
CA THR A 42 7.50 3.23 3.90
C THR A 42 7.18 3.25 5.39
N GLY A 43 7.68 2.26 6.13
CA GLY A 43 7.39 2.17 7.53
C GLY A 43 7.86 3.40 8.25
N PRO A 44 7.01 4.06 9.06
CA PRO A 44 7.48 5.21 9.83
C PRO A 44 8.54 4.81 10.85
N ALA A 45 9.42 5.75 11.17
CA ALA A 45 10.61 5.43 11.94
C ALA A 45 10.30 5.05 13.38
N ASP A 46 9.31 5.66 14.03
CA ASP A 46 9.04 5.39 15.43
C ASP A 46 7.99 4.31 15.60
N THR A 47 8.17 3.21 14.86
CA THR A 47 7.29 2.07 14.82
C THR A 47 8.16 0.83 14.61
N PRO A 48 7.60 -0.36 14.80
CA PRO A 48 8.36 -1.57 14.48
C PRO A 48 8.49 -1.79 12.99
N TYR A 49 7.81 -1.00 12.20
CA TYR A 49 7.89 -1.05 10.76
C TYR A 49 9.03 -0.22 10.20
N LYS A 50 9.83 0.44 11.01
CA LYS A 50 10.92 1.25 10.53
C LYS A 50 11.79 0.51 9.51
N GLY A 51 12.11 1.16 8.38
CA GLY A 51 12.90 0.58 7.33
C GLY A 51 12.14 -0.35 6.44
N GLY A 52 10.87 -0.64 6.74
CA GLY A 52 10.14 -1.55 5.91
C GLY A 52 9.55 -0.90 4.66
N GLN A 53 9.31 -1.75 3.67
CA GLN A 53 8.75 -1.31 2.38
C GLN A 53 7.56 -2.22 2.10
N TYR A 54 6.37 -1.65 2.11
CA TYR A 54 5.15 -2.46 2.10
C TYR A 54 4.29 -2.18 0.87
N HIS A 55 4.28 -3.11 -0.05
CA HIS A 55 3.48 -3.02 -1.28
C HIS A 55 2.10 -3.57 -1.04
N GLY A 56 1.11 -2.88 -1.57
CA GLY A 56 -0.23 -3.42 -1.62
C GLY A 56 -1.04 -2.78 -2.75
N THR A 57 -2.35 -3.05 -2.73
CA THR A 57 -3.24 -2.60 -3.80
C THR A 57 -4.49 -1.95 -3.22
N LEU A 58 -5.03 -1.03 -4.03
CA LEU A 58 -6.39 -0.52 -3.91
C LEU A 58 -7.11 -0.88 -5.19
N THR A 59 -8.17 -1.69 -5.09
CA THR A 59 -8.89 -2.10 -6.29
C THR A 59 -10.24 -1.41 -6.22
N PHE A 60 -10.39 -0.37 -7.08
CA PHE A 60 -11.65 0.36 -7.15
C PHE A 60 -12.67 -0.43 -7.95
N PRO A 61 -13.93 -0.44 -7.51
CA PRO A 61 -14.97 -1.23 -8.16
C PRO A 61 -15.48 -0.49 -9.38
N SER A 62 -16.23 -1.22 -10.20
CA SER A 62 -16.75 -0.67 -11.45
C SER A 62 -17.68 0.52 -11.24
N ASP A 63 -18.30 0.61 -10.07
CA ASP A 63 -19.21 1.67 -9.70
C ASP A 63 -18.55 2.78 -8.90
N TYR A 64 -17.20 2.76 -8.81
CA TYR A 64 -16.49 3.94 -8.30
C TYR A 64 -16.94 5.16 -9.12
N PRO A 65 -17.19 6.34 -8.49
CA PRO A 65 -16.82 6.78 -7.15
C PRO A 65 -17.90 6.56 -6.10
N TYR A 66 -18.87 5.69 -6.35
CA TYR A 66 -20.00 5.53 -5.42
C TYR A 66 -19.86 4.33 -4.51
N LYS A 67 -18.74 3.64 -4.59
CA LYS A 67 -18.48 2.44 -3.79
C LYS A 67 -16.98 2.47 -3.48
N PRO A 68 -16.56 1.97 -2.32
CA PRO A 68 -15.14 2.03 -1.95
C PRO A 68 -14.26 0.97 -2.56
N PRO A 69 -12.96 1.19 -2.56
CA PRO A 69 -12.00 0.16 -3.00
C PRO A 69 -11.81 -0.96 -2.00
N ALA A 70 -11.41 -2.09 -2.55
CA ALA A 70 -10.84 -3.18 -1.75
C ALA A 70 -9.36 -2.90 -1.48
N ILE A 71 -8.92 -2.98 -0.23
CA ILE A 71 -7.60 -2.63 0.22
C ILE A 71 -6.90 -3.87 0.68
N ARG A 72 -5.74 -4.19 0.09
CA ARG A 72 -4.96 -5.36 0.44
C ARG A 72 -3.50 -4.96 0.59
N MET A 73 -2.76 -5.67 1.41
CA MET A 73 -1.31 -5.56 1.51
C MET A 73 -0.67 -6.83 1.04
N ILE A 74 0.29 -6.72 0.15
CA ILE A 74 0.95 -7.90 -0.44
C ILE A 74 2.19 -8.32 0.38
N THR A 75 3.06 -7.36 0.70
CA THR A 75 4.32 -7.68 1.37
C THR A 75 4.01 -8.21 2.78
N PRO A 76 4.56 -9.34 3.20
CA PRO A 76 4.46 -9.80 4.59
C PRO A 76 4.93 -8.72 5.53
N ASN A 77 4.18 -8.52 6.62
CA ASN A 77 4.32 -7.30 7.41
C ASN A 77 4.06 -7.50 8.90
N GLY A 78 3.27 -8.50 9.30
CA GLY A 78 3.02 -8.77 10.71
C GLY A 78 1.85 -8.03 11.32
N ARG A 79 1.19 -7.19 10.56
CA ARG A 79 0.03 -6.42 10.98
C ARG A 79 -1.24 -6.80 10.27
N PHE A 80 -1.15 -7.06 8.97
CA PHE A 80 -2.26 -7.46 8.14
C PHE A 80 -1.91 -8.79 7.45
N LYS A 81 -2.88 -9.70 7.36
CA LYS A 81 -2.68 -10.92 6.62
C LYS A 81 -2.47 -10.58 5.15
N PRO A 82 -1.46 -11.13 4.49
CA PRO A 82 -1.23 -10.73 3.08
C PRO A 82 -2.39 -11.08 2.18
N ASN A 83 -2.55 -10.29 1.14
CA ASN A 83 -3.47 -10.60 0.06
C ASN A 83 -4.91 -10.72 0.50
N THR A 84 -5.29 -9.96 1.49
CA THR A 84 -6.60 -10.09 2.13
C THR A 84 -7.27 -8.72 2.24
N ARG A 85 -8.55 -8.64 1.86
CA ARG A 85 -9.28 -7.39 2.04
C ARG A 85 -9.28 -6.94 3.50
N LEU A 86 -8.91 -5.70 3.74
CA LEU A 86 -8.78 -5.16 5.08
C LEU A 86 -9.97 -4.28 5.42
N CYS A 87 -10.52 -4.50 6.63
CA CYS A 87 -11.70 -3.78 7.09
C CYS A 87 -11.27 -2.48 7.76
N LEU A 88 -11.37 -1.40 6.99
CA LEU A 88 -10.98 -0.07 7.37
C LEU A 88 -12.17 0.87 7.21
N SER A 89 -12.15 1.99 7.94
CA SER A 89 -13.27 2.92 7.84
C SER A 89 -13.52 3.39 6.42
N MET A 90 -12.44 3.54 5.62
CA MET A 90 -12.55 3.97 4.23
C MET A 90 -12.14 2.72 3.45
N SER A 91 -13.08 1.81 3.17
CA SER A 91 -12.82 0.55 2.51
C SER A 91 -14.15 -0.08 2.12
N ASP A 92 -14.05 -1.12 1.30
CA ASP A 92 -15.24 -1.83 0.82
C ASP A 92 -16.01 -2.60 1.87
N TYR A 93 -15.53 -2.70 3.10
CA TYR A 93 -16.34 -3.20 4.19
C TYR A 93 -17.37 -2.21 4.66
N HIS A 94 -17.22 -0.94 4.32
CA HIS A 94 -18.10 0.14 4.78
C HIS A 94 -18.65 0.97 3.64
N PRO A 95 -19.41 0.35 2.76
CA PRO A 95 -20.05 1.10 1.68
C PRO A 95 -21.13 2.07 2.21
N ASP A 96 -21.64 1.77 3.42
CA ASP A 96 -22.69 2.52 4.09
C ASP A 96 -22.25 3.93 4.45
N THR A 97 -21.01 4.10 4.84
CA THR A 97 -20.52 5.40 5.25
C THR A 97 -19.45 5.95 4.31
N TRP A 98 -19.36 5.38 3.12
CA TRP A 98 -18.44 5.82 2.10
C TRP A 98 -18.74 7.25 1.69
N ASN A 99 -17.68 8.02 1.53
CA ASN A 99 -17.78 9.38 1.00
C ASN A 99 -17.05 9.46 -0.33
N PRO A 100 -17.76 9.62 -1.44
CA PRO A 100 -17.08 9.70 -2.74
C PRO A 100 -16.00 10.73 -2.82
N GLY A 101 -16.08 11.78 -2.02
CA GLY A 101 -15.11 12.85 -2.02
C GLY A 101 -13.77 12.54 -1.41
N TRP A 102 -13.64 11.43 -0.70
CA TRP A 102 -12.34 11.13 -0.13
C TRP A 102 -11.29 10.97 -1.25
N SER A 103 -10.13 11.60 -1.07
CA SER A 103 -9.07 11.48 -2.04
C SER A 103 -8.33 10.16 -1.84
N VAL A 104 -7.57 9.76 -2.85
CA VAL A 104 -6.77 8.55 -2.73
C VAL A 104 -5.70 8.72 -1.65
N SER A 105 -5.15 9.94 -1.52
CA SER A 105 -4.21 10.21 -0.44
C SER A 105 -4.87 10.02 0.90
N THR A 106 -6.11 10.49 1.06
CA THR A 106 -6.81 10.34 2.32
C THR A 106 -7.04 8.88 2.63
N ILE A 107 -7.47 8.09 1.65
CA ILE A 107 -7.73 6.67 1.87
C ILE A 107 -6.45 5.95 2.29
N LEU A 108 -5.35 6.22 1.58
CA LEU A 108 -4.05 5.61 1.89
C LEU A 108 -3.53 6.06 3.24
N ASN A 109 -3.67 7.35 3.57
CA ASN A 109 -3.30 7.79 4.90
C ASN A 109 -4.12 7.08 5.96
N GLY A 110 -5.37 6.74 5.67
CA GLY A 110 -6.14 6.02 6.69
C GLY A 110 -5.62 4.62 6.88
N LEU A 111 -5.18 3.99 5.78
CA LEU A 111 -4.54 2.69 5.90
C LEU A 111 -3.29 2.76 6.76
N LEU A 112 -2.42 3.74 6.51
CA LEU A 112 -1.19 3.86 7.26
C LEU A 112 -1.47 4.18 8.72
N SER A 113 -2.42 5.07 8.97
CA SER A 113 -2.76 5.43 10.34
C SER A 113 -3.30 4.23 11.09
N PHE A 114 -4.12 3.42 10.44
CA PHE A 114 -4.63 2.22 11.08
C PHE A 114 -3.48 1.25 11.33
N MET A 115 -2.60 1.08 10.34
CA MET A 115 -1.51 0.10 10.44
C MET A 115 -0.64 0.35 11.67
N THR A 116 -0.35 1.60 12.02
CA THR A 116 0.54 1.89 13.11
C THR A 116 -0.16 1.92 14.48
N SER A 117 -1.46 1.81 14.50
CA SER A 117 -2.20 1.46 15.72
C SER A 117 -2.17 -0.06 15.88
N ASP A 118 -2.72 -0.53 16.99
CA ASP A 118 -2.91 -1.96 17.24
C ASP A 118 -4.38 -2.36 17.23
N GLU A 119 -5.27 -1.51 16.69
CA GLU A 119 -6.68 -1.83 16.67
C GLU A 119 -6.92 -3.09 15.81
N ALA A 120 -7.81 -3.96 16.28
CA ALA A 120 -8.13 -5.18 15.57
C ALA A 120 -9.25 -4.94 14.57
N THR A 121 -9.20 -5.64 13.45
CA THR A 121 -10.23 -5.56 12.45
C THR A 121 -10.11 -6.79 11.57
N THR A 122 -11.13 -7.10 10.79
CA THR A 122 -10.99 -8.18 9.83
C THR A 122 -9.79 -7.94 8.92
N GLY A 123 -8.93 -8.94 8.81
N GLY A 123 -8.93 -8.95 8.82
CA GLY A 123 -7.70 -8.85 8.05
CA GLY A 123 -7.70 -8.85 8.05
C GLY A 123 -6.46 -8.52 8.85
C GLY A 123 -6.46 -8.52 8.85
N SER A 124 -6.61 -8.06 10.09
CA SER A 124 -5.43 -7.85 10.93
C SER A 124 -5.00 -9.14 11.62
N ILE A 125 -3.72 -9.18 12.00
CA ILE A 125 -3.14 -10.35 12.63
C ILE A 125 -2.35 -9.91 13.85
N THR A 126 -2.04 -10.89 14.69
CA THR A 126 -1.30 -10.64 15.92
C THR A 126 0.09 -11.28 15.82
N THR A 127 1.12 -10.43 15.89
CA THR A 127 2.51 -10.87 15.94
C THR A 127 3.26 -10.08 17.01
N SER A 128 4.45 -10.58 17.31
CA SER A 128 5.28 -9.85 18.25
C SER A 128 6.03 -8.68 17.56
N ASP A 129 6.59 -7.81 18.40
CA ASP A 129 7.45 -6.73 17.90
C ASP A 129 8.64 -7.30 17.13
N HIS A 130 9.23 -8.36 17.62
CA HIS A 130 10.34 -8.97 16.96
C HIS A 130 9.96 -9.48 15.58
N GLN A 131 8.81 -10.11 15.47
CA GLN A 131 8.39 -10.59 14.16
C GLN A 131 8.17 -9.43 13.20
N LYS A 132 7.54 -8.35 13.68
CA LYS A 132 7.35 -7.19 12.81
C LYS A 132 8.69 -6.63 12.35
N LYS A 133 9.68 -6.54 13.25
CA LYS A 133 10.97 -6.02 12.85
C LYS A 133 11.68 -6.94 11.85
N THR A 134 11.55 -8.25 12.03
CA THR A 134 12.13 -9.18 11.09
C THR A 134 11.52 -9.00 9.72
N LEU A 135 10.20 -8.88 9.66
CA LEU A 135 9.50 -8.71 8.40
C LEU A 135 9.87 -7.36 7.77
N ALA A 136 10.03 -6.33 8.61
CA ALA A 136 10.43 -5.05 8.02
C ALA A 136 11.79 -5.17 7.38
N ARG A 137 12.72 -5.76 8.09
CA ARG A 137 14.05 -5.91 7.54
C ARG A 137 14.02 -6.67 6.23
N ASN A 138 13.21 -7.73 6.16
CA ASN A 138 13.22 -8.56 4.97
C ASN A 138 12.31 -8.07 3.86
N SER A 139 11.53 -7.02 4.10
CA SER A 139 10.54 -6.60 3.12
C SER A 139 11.15 -6.15 1.80
N ILE A 140 12.31 -5.47 1.83
CA ILE A 140 12.90 -5.00 0.57
C ILE A 140 13.30 -6.19 -0.27
N SER A 141 13.93 -7.19 0.34
CA SER A 141 14.26 -8.41 -0.38
C SER A 141 13.00 -9.10 -0.93
N TYR A 142 11.95 -9.26 -0.09
CA TYR A 142 10.71 -9.86 -0.54
C TYR A 142 10.23 -9.14 -1.80
N ASN A 143 10.18 -7.81 -1.78
CA ASN A 143 9.62 -7.11 -2.95
C ASN A 143 10.50 -7.22 -4.18
N THR A 144 11.81 -7.33 -3.98
CA THR A 144 12.78 -7.33 -5.06
C THR A 144 12.81 -8.67 -5.75
N PHE A 145 12.64 -9.76 -5.01
CA PHE A 145 12.85 -11.10 -5.53
C PHE A 145 11.64 -11.97 -5.56
N GLN A 146 10.72 -11.85 -4.63
CA GLN A 146 9.61 -12.76 -4.56
C GLN A 146 8.27 -12.18 -4.93
N ASN A 147 8.19 -10.97 -5.38
CA ASN A 147 6.91 -10.27 -5.56
C ASN A 147 6.83 -9.93 -7.04
N VAL A 148 6.18 -10.80 -7.79
CA VAL A 148 6.05 -10.63 -9.23
C VAL A 148 5.35 -9.32 -9.58
N ARG A 149 4.26 -9.00 -8.87
CA ARG A 149 3.52 -7.76 -9.18
C ARG A 149 4.35 -6.52 -8.89
N PHE A 150 5.19 -6.54 -7.85
CA PHE A 150 6.04 -5.38 -7.59
C PHE A 150 7.01 -5.16 -8.73
N LYS A 151 7.56 -6.24 -9.28
CA LYS A 151 8.52 -6.08 -10.36
C LYS A 151 7.84 -5.52 -11.60
N LEU A 152 6.58 -5.90 -11.84
CA LEU A 152 5.87 -5.42 -12.99
C LEU A 152 5.43 -3.97 -12.86
N ILE A 153 5.04 -3.56 -11.69
CA ILE A 153 4.47 -2.22 -11.46
C ILE A 153 5.53 -1.19 -11.14
N PHE A 154 6.54 -1.58 -10.37
CA PHE A 154 7.55 -0.70 -9.82
C PHE A 154 8.98 -1.10 -10.22
N PRO A 155 9.25 -1.31 -11.51
CA PRO A 155 10.62 -1.74 -11.87
C PRO A 155 11.72 -0.75 -11.48
N GLU A 156 11.40 0.53 -11.45
CA GLU A 156 12.38 1.54 -11.02
C GLU A 156 12.68 1.39 -9.54
N VAL A 157 11.69 0.93 -8.75
CA VAL A 157 11.96 0.75 -7.33
C VAL A 157 12.75 -0.54 -7.09
N VAL A 158 12.51 -1.58 -7.90
CA VAL A 158 13.36 -2.76 -7.86
C VAL A 158 14.82 -2.36 -8.01
N GLN A 159 15.16 -1.47 -8.96
CA GLN A 159 16.55 -1.08 -9.16
C GLN A 159 17.08 -0.34 -7.95
N GLU A 160 16.28 0.54 -7.33
CA GLU A 160 16.71 1.19 -6.12
C GLU A 160 16.97 0.17 -5.06
N ASN A 161 16.08 -0.81 -4.92
CA ASN A 161 16.23 -1.86 -3.90
C ASN A 161 17.52 -2.61 -4.09
N VAL A 162 17.90 -2.87 -5.33
CA VAL A 162 19.12 -3.61 -5.58
C VAL A 162 20.32 -2.85 -4.97
N GLU A 163 20.38 -1.53 -5.16
CA GLU A 163 21.43 -0.71 -4.56
C GLU A 163 21.34 -0.75 -3.05
N THR A 164 20.11 -0.67 -2.50
CA THR A 164 19.97 -0.69 -1.05
C THR A 164 20.50 -2.00 -0.46
N LEU A 165 20.17 -3.12 -1.10
CA LEU A 165 20.64 -4.38 -0.61
C LEU A 165 22.12 -4.57 -0.84
N GLU A 166 22.65 -4.02 -1.91
CA GLU A 166 24.09 -4.04 -2.15
C GLU A 166 24.83 -3.36 -1.04
N LYS A 167 24.36 -2.17 -0.62
CA LYS A 167 25.02 -1.42 0.44
C LYS A 167 24.91 -2.14 1.76
N ARG A 168 23.77 -2.76 2.04
CA ARG A 168 23.65 -3.50 3.30
C ARG A 168 24.59 -4.67 3.36
N LYS A 169 24.73 -5.37 2.24
CA LYS A 169 25.61 -6.52 2.26
C LYS A 169 27.05 -6.08 2.30
N LEU A 170 27.44 -5.19 1.41
CA LEU A 170 28.85 -4.84 1.31
C LEU A 170 29.34 -4.07 2.55
N ASP A 171 28.53 -3.13 3.10
CA ASP A 171 29.01 -2.29 4.20
C ASP A 171 29.04 -3.05 5.54
N GLU A 172 28.27 -4.10 5.67
CA GLU A 172 28.31 -4.93 6.87
C GLU A 172 29.11 -6.22 6.68
N LEU A 173 29.73 -6.42 5.52
CA LEU A 173 30.59 -7.56 5.23
C LEU A 173 31.37 -7.39 3.93
#